data_3ODC
#
_entry.id   3ODC
#
_cell.length_a   63.731
_cell.length_b   63.731
_cell.length_c   192.405
_cell.angle_alpha   90.000
_cell.angle_beta   90.000
_cell.angle_gamma   120.000
#
_symmetry.space_group_name_H-M   'P 31 2 1'
#
loop_
_entity.id
_entity.type
_entity.pdbx_description
1 polymer 'Poly [ADP-ribose] polymerase 1'
2 polymer "5'-D(*CP*CP*CP*AP*GP*AP*CP*G)-3'"
3 polymer "5'-D(*CP*GP*TP*CP*TP*GP*GP*G)-3'"
4 non-polymer 'ZINC ION'
5 water water
#
loop_
_entity_poly.entity_id
_entity_poly.type
_entity_poly.pdbx_seq_one_letter_code
_entity_poly.pdbx_strand_id
1 'polypeptide(L)'
;MKAEKTLGDFAAEYAKSNRSTCKGCMEKIEKGQVRLSKKMVDPEKPQLGMIDRWYHPGCFVKNREELGFRPEYSASQLKG
FSLLATEDKEALKKQLPGVKSEGLEHHHHHH
;
A,B
2 'polydeoxyribonucleotide' (DC)(DC)(DC)(DA)(DG)(DA)(DC)(DG) C,E
3 'polydeoxyribonucleotide' (DC)(DG)(DT)(DC)(DT)(DG)(DG)(DG) D,F
#
loop_
_chem_comp.id
_chem_comp.type
_chem_comp.name
_chem_comp.formula
DA DNA linking 2'-DEOXYADENOSINE-5'-MONOPHOSPHATE 'C10 H14 N5 O6 P'
DC DNA linking 2'-DEOXYCYTIDINE-5'-MONOPHOSPHATE 'C9 H14 N3 O7 P'
DG DNA linking 2'-DEOXYGUANOSINE-5'-MONOPHOSPHATE 'C10 H14 N5 O7 P'
DT DNA linking THYMIDINE-5'-MONOPHOSPHATE 'C10 H15 N2 O8 P'
ZN non-polymer 'ZINC ION' 'Zn 2'
#
# COMPACT_ATOMS: atom_id res chain seq x y z
N THR A 6 19.48 2.62 -11.15
CA THR A 6 19.01 1.89 -9.97
C THR A 6 18.28 2.79 -8.96
N LEU A 7 16.95 2.89 -9.12
CA LEU A 7 16.14 3.77 -8.27
C LEU A 7 15.76 3.12 -6.96
N GLY A 8 15.76 3.89 -5.88
CA GLY A 8 15.24 3.41 -4.60
C GLY A 8 13.73 3.22 -4.72
N ASP A 9 13.18 2.21 -4.05
CA ASP A 9 11.73 2.04 -4.11
C ASP A 9 11.06 2.48 -2.81
N PHE A 10 10.34 3.60 -2.93
CA PHE A 10 9.80 4.28 -1.78
C PHE A 10 8.29 4.12 -1.75
N ALA A 11 7.70 4.40 -0.59
CA ALA A 11 6.25 4.27 -0.41
C ALA A 11 5.73 5.26 0.64
N ALA A 12 4.45 5.65 0.51
CA ALA A 12 3.81 6.53 1.48
C ALA A 12 2.49 5.94 1.91
N GLU A 13 2.13 6.14 3.18
CA GLU A 13 0.86 5.62 3.68
C GLU A 13 0.58 6.07 5.11
N TYR A 14 -0.68 5.95 5.52
CA TYR A 14 -1.04 6.20 6.92
C TYR A 14 -0.63 4.98 7.71
N ALA A 15 0.15 5.20 8.76
CA ALA A 15 0.75 4.09 9.50
C ALA A 15 -0.35 3.13 9.91
N LYS A 16 -0.09 1.84 9.77
CA LYS A 16 -1.10 0.82 10.00
C LYS A 16 -1.32 0.55 11.48
N SER A 17 -0.38 0.97 12.31
CA SER A 17 -0.42 0.67 13.73
C SER A 17 0.53 1.57 14.47
N ASN A 18 0.66 1.36 15.77
CA ASN A 18 1.56 2.15 16.60
C ASN A 18 2.86 1.41 16.94
N ARG A 19 3.18 0.36 16.19
CA ARG A 19 4.31 -0.48 16.59
C ARG A 19 5.58 -0.36 15.75
N SER A 20 5.58 0.52 14.75
CA SER A 20 6.79 0.76 13.98
C SER A 20 7.56 1.93 14.58
N THR A 21 8.79 2.13 14.11
CA THR A 21 9.66 3.13 14.68
C THR A 21 10.40 3.87 13.58
N CYS A 22 10.35 5.21 13.62
CA CYS A 22 11.06 6.01 12.62
C CYS A 22 12.52 5.63 12.65
N LYS A 23 13.13 5.42 11.48
CA LYS A 23 14.56 5.15 11.44
C LYS A 23 15.42 6.40 11.64
N GLY A 24 14.88 7.58 11.32
CA GLY A 24 15.60 8.82 11.48
C GLY A 24 15.83 9.26 12.91
N CYS A 25 14.77 9.18 13.74
CA CYS A 25 14.80 9.67 15.12
C CYS A 25 14.63 8.52 16.10
N MET A 26 14.31 7.35 15.57
CA MET A 26 14.14 6.17 16.42
C MET A 26 13.04 6.38 17.46
N GLU A 27 12.04 7.18 17.11
CA GLU A 27 10.85 7.33 17.94
C GLU A 27 9.70 6.55 17.30
N LYS A 28 8.76 6.09 18.13
CA LYS A 28 7.58 5.34 17.68
CA LYS A 28 7.64 5.33 17.61
C LYS A 28 6.66 6.22 16.83
N ILE A 29 6.21 5.70 15.72
CA ILE A 29 5.23 6.35 14.86
C ILE A 29 3.84 5.91 15.30
N GLU A 30 2.95 6.88 15.48
CA GLU A 30 1.59 6.59 15.94
C GLU A 30 0.67 6.04 14.83
N LYS A 31 -0.24 5.14 15.19
CA LYS A 31 -1.19 4.63 14.21
C LYS A 31 -1.93 5.77 13.52
N GLY A 32 -1.95 5.77 12.20
CA GLY A 32 -2.64 6.82 11.49
C GLY A 32 -1.77 7.88 10.88
N GLN A 33 -0.58 8.09 11.42
CA GLN A 33 0.28 9.16 10.91
C GLN A 33 0.86 8.85 9.54
N VAL A 34 0.92 9.86 8.68
CA VAL A 34 1.63 9.75 7.41
C VAL A 34 3.07 9.26 7.66
N ARG A 35 3.54 8.28 6.90
CA ARG A 35 4.91 7.78 7.05
C ARG A 35 5.52 7.36 5.71
N LEU A 36 6.83 7.59 5.54
CA LEU A 36 7.51 7.22 4.30
C LEU A 36 8.50 6.07 4.52
N SER A 37 8.65 5.22 3.51
CA SER A 37 9.54 4.09 3.66
C SER A 37 10.46 3.93 2.47
N LYS A 38 11.69 3.51 2.75
CA LYS A 38 12.57 3.00 1.72
C LYS A 38 12.65 1.52 2.02
N LYS A 39 12.38 0.68 1.01
CA LYS A 39 12.50 -0.76 1.19
C LYS A 39 13.97 -1.14 0.90
N MET A 40 14.60 -1.77 1.87
CA MET A 40 16.03 -2.01 1.82
C MET A 40 16.43 -3.06 2.84
N VAL A 41 17.73 -3.33 2.97
CA VAL A 41 18.19 -4.37 3.87
C VAL A 41 18.59 -3.79 5.22
N ASP A 42 18.06 -4.36 6.29
CA ASP A 42 18.40 -3.89 7.63
C ASP A 42 19.79 -4.42 7.93
N PRO A 43 20.75 -3.50 8.14
CA PRO A 43 22.11 -3.82 8.56
C PRO A 43 22.13 -4.94 9.58
N GLU A 44 21.44 -4.75 10.71
CA GLU A 44 21.53 -5.72 11.81
C GLU A 44 20.71 -6.99 11.58
N LYS A 45 20.06 -7.08 10.43
CA LYS A 45 19.20 -8.23 10.13
C LYS A 45 19.12 -8.44 8.62
N PRO A 46 20.26 -8.74 7.99
CA PRO A 46 20.26 -8.91 6.54
C PRO A 46 19.54 -10.20 6.19
N GLN A 47 19.47 -11.11 7.17
CA GLN A 47 18.73 -12.36 7.06
C GLN A 47 17.34 -12.13 6.50
N LEU A 48 16.74 -11.02 6.91
CA LEU A 48 15.38 -10.69 6.49
C LEU A 48 15.39 -10.28 5.04
N GLY A 49 16.52 -9.73 4.60
CA GLY A 49 16.62 -9.27 3.23
C GLY A 49 15.87 -7.96 3.12
N MET A 50 15.21 -7.75 1.98
CA MET A 50 14.57 -6.45 1.73
C MET A 50 13.32 -6.27 2.59
N ILE A 51 13.32 -5.21 3.40
CA ILE A 51 12.17 -4.89 4.23
C ILE A 51 11.87 -3.40 4.27
N ASP A 52 10.65 -3.08 4.68
CA ASP A 52 10.24 -1.68 4.78
C ASP A 52 10.92 -1.06 5.98
N ARG A 53 11.55 0.09 5.76
CA ARG A 53 12.10 0.87 6.85
C ARG A 53 11.40 2.21 6.82
N TRP A 54 10.72 2.58 7.91
CA TRP A 54 9.82 3.74 7.90
C TRP A 54 10.41 5.04 8.45
N TYR A 55 9.80 6.16 8.08
CA TYR A 55 10.28 7.49 8.48
C TYR A 55 9.15 8.48 8.61
N HIS A 56 9.15 9.25 9.71
CA HIS A 56 8.42 10.51 9.74
C HIS A 56 8.77 11.22 8.45
N PRO A 57 7.77 11.81 7.80
CA PRO A 57 8.14 12.56 6.59
C PRO A 57 9.32 13.52 6.79
N GLY A 58 9.26 14.35 7.83
CA GLY A 58 10.35 15.27 8.11
C GLY A 58 11.70 14.56 8.22
N CYS A 59 11.74 13.47 8.97
CA CYS A 59 12.97 12.73 9.19
C CYS A 59 13.43 12.14 7.87
N PHE A 60 12.48 11.66 7.08
CA PHE A 60 12.79 11.17 5.75
C PHE A 60 13.56 12.22 4.94
N VAL A 61 13.17 13.48 5.10
CA VAL A 61 13.74 14.56 4.30
C VAL A 61 15.14 14.95 4.74
N LYS A 62 15.40 14.92 6.04
CA LYS A 62 16.76 15.11 6.52
C LYS A 62 17.71 14.22 5.73
N ASN A 63 17.27 13.00 5.46
CA ASN A 63 18.12 12.02 4.83
C ASN A 63 17.82 11.78 3.35
N ARG A 64 17.14 12.73 2.73
CA ARG A 64 16.73 12.59 1.33
C ARG A 64 17.83 11.98 0.46
N GLU A 65 19.05 12.45 0.68
CA GLU A 65 20.18 12.05 -0.16
C GLU A 65 20.72 10.66 0.12
N GLU A 66 21.06 10.39 1.38
CA GLU A 66 21.53 9.07 1.80
C GLU A 66 20.55 8.00 1.32
N LEU A 67 19.27 8.37 1.28
CA LEU A 67 18.19 7.45 0.96
C LEU A 67 18.05 7.19 -0.52
N GLY A 68 18.42 8.17 -1.34
CA GLY A 68 18.37 8.02 -2.77
C GLY A 68 17.13 8.62 -3.38
N PHE A 69 16.66 9.71 -2.78
CA PHE A 69 15.50 10.42 -3.29
C PHE A 69 15.89 11.37 -4.43
N ARG A 70 15.21 11.24 -5.56
CA ARG A 70 15.42 12.12 -6.68
C ARG A 70 14.41 13.27 -6.64
N PRO A 71 14.84 14.48 -6.23
CA PRO A 71 13.91 15.61 -6.11
C PRO A 71 13.32 15.97 -7.46
N GLU A 72 13.97 15.51 -8.51
CA GLU A 72 13.55 15.72 -9.89
C GLU A 72 12.19 15.10 -10.17
N TYR A 73 11.91 13.94 -9.55
CA TYR A 73 10.64 13.23 -9.73
C TYR A 73 9.59 13.57 -8.66
N SER A 74 10.00 14.34 -7.66
CA SER A 74 9.08 14.79 -6.62
C SER A 74 8.37 13.63 -5.94
N ALA A 75 7.05 13.72 -5.87
CA ALA A 75 6.26 12.80 -5.06
C ALA A 75 5.82 11.54 -5.80
N SER A 76 5.95 11.54 -7.12
CA SER A 76 5.51 10.40 -7.92
C SER A 76 6.24 9.12 -7.52
N GLN A 77 7.40 9.27 -6.89
CA GLN A 77 8.25 8.12 -6.58
C GLN A 77 7.92 7.52 -5.22
N LEU A 78 6.98 8.15 -4.53
CA LEU A 78 6.50 7.65 -3.25
C LEU A 78 5.23 6.86 -3.52
N LYS A 79 5.42 5.59 -3.87
CA LYS A 79 4.31 4.75 -4.26
C LYS A 79 3.22 4.82 -3.20
N GLY A 80 2.04 5.30 -3.60
CA GLY A 80 0.86 5.28 -2.75
C GLY A 80 0.40 6.68 -2.35
N PHE A 81 1.17 7.65 -2.83
CA PHE A 81 0.91 9.07 -2.62
C PHE A 81 -0.52 9.41 -3.02
N SER A 82 -0.88 9.04 -4.25
CA SER A 82 -2.20 9.34 -4.80
C SER A 82 -3.36 8.89 -3.91
N LEU A 83 -3.14 7.86 -3.10
CA LEU A 83 -4.17 7.34 -2.21
C LEU A 83 -4.43 8.26 -1.02
N LEU A 84 -3.54 9.22 -0.78
CA LEU A 84 -3.65 10.06 0.40
C LEU A 84 -4.69 11.17 0.21
N ALA A 85 -5.27 11.61 1.32
CA ALA A 85 -6.14 12.77 1.32
C ALA A 85 -5.41 13.95 0.67
N THR A 86 -6.17 14.83 0.04
CA THR A 86 -5.58 15.96 -0.67
C THR A 86 -4.79 16.84 0.30
N GLU A 87 -5.38 17.10 1.45
CA GLU A 87 -4.72 17.85 2.50
C GLU A 87 -3.29 17.31 2.68
N ASP A 88 -3.20 16.02 2.96
CA ASP A 88 -1.92 15.35 3.17
C ASP A 88 -1.03 15.33 1.91
N LYS A 89 -1.63 15.16 0.74
CA LYS A 89 -0.85 15.18 -0.49
C LYS A 89 -0.14 16.51 -0.69
N GLU A 90 -0.77 17.59 -0.24
CA GLU A 90 -0.21 18.94 -0.36
C GLU A 90 0.94 19.18 0.61
N ALA A 91 0.66 18.96 1.90
CA ALA A 91 1.64 19.15 2.95
C ALA A 91 2.95 18.45 2.58
N LEU A 92 2.80 17.21 2.12
CA LEU A 92 3.92 16.38 1.72
C LEU A 92 4.71 17.01 0.59
N LYS A 93 4.00 17.46 -0.44
CA LYS A 93 4.66 17.97 -1.64
C LYS A 93 5.49 19.21 -1.33
N LYS A 94 5.06 20.00 -0.36
CA LYS A 94 5.84 21.17 0.09
C LYS A 94 7.23 20.76 0.53
N GLN A 95 7.30 19.87 1.53
CA GLN A 95 8.59 19.48 2.13
C GLN A 95 9.58 18.89 1.15
N LEU A 96 9.10 18.10 0.21
CA LEU A 96 10.02 17.50 -0.75
C LEU A 96 10.80 18.55 -1.57
N PRO A 97 12.13 18.49 -1.47
CA PRO A 97 13.14 19.28 -2.17
C PRO A 97 12.90 19.41 -3.68
N GLY A 98 13.17 20.60 -4.23
CA GLY A 98 12.97 20.86 -5.65
C GLY A 98 14.24 20.79 -6.48
N MET B 1 12.54 -9.97 2.55
CA MET B 1 11.92 -11.11 3.24
C MET B 1 10.97 -11.77 2.25
N LYS B 2 10.97 -13.11 2.26
CA LYS B 2 10.02 -13.93 1.52
C LYS B 2 8.60 -13.83 2.10
N ALA B 3 8.04 -12.62 2.08
CA ALA B 3 6.75 -12.31 2.68
C ALA B 3 5.57 -12.82 1.84
N GLU B 4 5.17 -14.06 2.14
CA GLU B 4 4.17 -14.77 1.34
C GLU B 4 2.92 -15.14 2.14
N LYS B 5 2.29 -16.26 1.74
CA LYS B 5 1.15 -16.83 2.43
C LYS B 5 -0.18 -16.21 2.00
N THR B 6 -0.77 -15.46 2.92
CA THR B 6 -1.95 -14.65 2.62
C THR B 6 -1.70 -13.21 3.09
N LEU B 7 -1.94 -12.25 2.20
CA LEU B 7 -1.71 -10.85 2.52
C LEU B 7 -2.76 -10.37 3.53
N GLY B 8 -2.34 -9.51 4.45
CA GLY B 8 -3.27 -9.04 5.46
C GLY B 8 -3.99 -7.80 5.00
N ASP B 9 -3.40 -7.08 4.07
CA ASP B 9 -3.99 -5.83 3.62
C ASP B 9 -4.59 -5.83 2.21
N PHE B 10 -4.83 -7.01 1.64
CA PHE B 10 -5.45 -7.09 0.30
C PHE B 10 -6.52 -8.17 0.29
N ALA B 11 -7.69 -7.87 -0.28
CA ALA B 11 -8.81 -8.81 -0.19
C ALA B 11 -9.58 -8.94 -1.48
N ALA B 12 -10.20 -10.11 -1.65
CA ALA B 12 -11.07 -10.39 -2.77
C ALA B 12 -12.32 -11.05 -2.23
N GLU B 13 -13.48 -10.59 -2.68
CA GLU B 13 -14.74 -11.21 -2.31
C GLU B 13 -15.84 -10.75 -3.29
N TYR B 14 -17.00 -11.40 -3.24
CA TYR B 14 -18.14 -10.99 -4.04
C TYR B 14 -18.80 -9.84 -3.30
N ALA B 15 -19.21 -8.80 -4.01
CA ALA B 15 -19.76 -7.63 -3.34
C ALA B 15 -20.96 -8.02 -2.46
N LYS B 16 -20.83 -7.80 -1.16
CA LYS B 16 -21.91 -8.10 -0.21
C LYS B 16 -23.16 -7.26 -0.45
N SER B 17 -23.02 -6.15 -1.18
CA SER B 17 -24.15 -5.29 -1.47
C SER B 17 -23.86 -4.51 -2.73
N ASN B 18 -24.68 -3.50 -3.02
CA ASN B 18 -24.54 -2.71 -4.23
C ASN B 18 -24.22 -1.23 -3.97
N ARG B 19 -23.91 -0.90 -2.72
CA ARG B 19 -23.67 0.50 -2.38
C ARG B 19 -22.18 0.83 -2.25
N SER B 20 -21.33 -0.15 -2.49
CA SER B 20 -19.88 0.12 -2.54
C SER B 20 -19.50 0.84 -3.83
N THR B 21 -18.27 1.32 -3.92
CA THR B 21 -17.84 2.10 -5.06
C THR B 21 -16.37 1.84 -5.41
N CYS B 22 -16.12 1.49 -6.66
CA CYS B 22 -14.76 1.25 -7.11
C CYS B 22 -13.99 2.54 -7.06
N LYS B 23 -12.96 2.58 -6.20
CA LYS B 23 -12.17 3.79 -5.98
C LYS B 23 -11.19 4.08 -7.11
N GLY B 24 -11.43 3.49 -8.27
CA GLY B 24 -10.56 3.73 -9.40
C GLY B 24 -11.32 4.49 -10.46
N CYS B 25 -12.57 4.09 -10.69
CA CYS B 25 -13.42 4.73 -11.69
C CYS B 25 -14.61 5.41 -11.04
N MET B 26 -14.78 5.23 -9.73
CA MET B 26 -15.86 5.85 -8.98
C MET B 26 -17.24 5.35 -9.40
N GLU B 27 -17.27 4.30 -10.19
CA GLU B 27 -18.54 3.69 -10.56
C GLU B 27 -18.96 2.68 -9.50
N LYS B 28 -20.26 2.58 -9.26
CA LYS B 28 -20.78 1.62 -8.28
C LYS B 28 -20.47 0.18 -8.68
N ILE B 29 -20.19 -0.64 -7.67
CA ILE B 29 -20.02 -2.07 -7.85
C ILE B 29 -21.36 -2.75 -7.55
N GLU B 30 -21.78 -3.66 -8.41
CA GLU B 30 -23.07 -4.34 -8.23
C GLU B 30 -22.95 -5.52 -7.26
N LYS B 31 -23.96 -5.67 -6.41
CA LYS B 31 -24.00 -6.82 -5.53
C LYS B 31 -23.68 -8.08 -6.31
N GLY B 32 -22.83 -8.93 -5.77
CA GLY B 32 -22.50 -10.19 -6.41
C GLY B 32 -21.21 -10.11 -7.18
N GLN B 33 -20.91 -8.93 -7.72
CA GLN B 33 -19.72 -8.76 -8.57
C GLN B 33 -18.42 -8.92 -7.80
N VAL B 34 -17.45 -9.59 -8.41
CA VAL B 34 -16.14 -9.75 -7.80
C VAL B 34 -15.53 -8.37 -7.61
N ARG B 35 -15.00 -8.11 -6.41
CA ARG B 35 -14.30 -6.86 -6.13
C ARG B 35 -12.99 -7.13 -5.40
N LEU B 36 -12.03 -6.23 -5.52
CA LEU B 36 -10.79 -6.37 -4.77
C LEU B 36 -10.62 -5.16 -3.88
N SER B 37 -9.78 -5.26 -2.85
CA SER B 37 -9.52 -4.11 -2.00
C SER B 37 -8.09 -4.03 -1.52
N LYS B 38 -7.61 -2.81 -1.37
CA LYS B 38 -6.44 -2.53 -0.55
C LYS B 38 -7.02 -2.06 0.76
N LYS B 39 -6.59 -2.65 1.87
CA LYS B 39 -7.00 -2.14 3.18
C LYS B 39 -6.08 -1.03 3.67
N MET B 40 -6.67 0.03 4.22
CA MET B 40 -5.87 1.11 4.79
C MET B 40 -6.59 1.92 5.88
N VAL B 41 -5.80 2.50 6.76
CA VAL B 41 -6.30 3.20 7.93
C VAL B 41 -6.66 4.64 7.56
N ASP B 42 -7.67 5.20 8.23
CA ASP B 42 -7.98 6.63 8.05
C ASP B 42 -7.64 7.37 9.34
N PRO B 43 -6.71 8.32 9.27
CA PRO B 43 -6.31 9.06 10.47
C PRO B 43 -7.50 9.77 11.08
N GLU B 44 -8.53 10.01 10.26
CA GLU B 44 -9.71 10.72 10.73
C GLU B 44 -10.72 9.78 11.37
N LYS B 45 -10.55 8.47 11.17
CA LYS B 45 -11.47 7.49 11.74
C LYS B 45 -10.75 6.36 12.48
N PRO B 46 -9.82 6.72 13.38
CA PRO B 46 -8.94 5.81 14.13
C PRO B 46 -9.62 4.53 14.62
N GLN B 47 -10.81 4.68 15.19
CA GLN B 47 -11.57 3.57 15.80
C GLN B 47 -11.88 2.41 14.84
N LEU B 48 -11.90 2.70 13.54
CA LEU B 48 -12.26 1.71 12.53
C LEU B 48 -11.11 0.81 12.14
N GLY B 49 -9.90 1.36 12.12
CA GLY B 49 -8.74 0.60 11.74
C GLY B 49 -8.64 0.37 10.24
N MET B 50 -8.11 -0.81 9.88
CA MET B 50 -7.88 -1.18 8.49
C MET B 50 -9.19 -1.34 7.72
N ILE B 51 -9.49 -0.36 6.87
CA ILE B 51 -10.74 -0.33 6.11
C ILE B 51 -10.52 -0.68 4.64
N ASP B 52 -11.43 -1.46 4.07
CA ASP B 52 -11.32 -1.84 2.68
C ASP B 52 -11.56 -0.66 1.75
N ARG B 53 -10.63 -0.48 0.80
CA ARG B 53 -10.86 0.40 -0.33
C ARG B 53 -11.14 -0.47 -1.55
N TRP B 54 -12.35 -0.41 -2.09
CA TRP B 54 -12.75 -1.39 -3.10
C TRP B 54 -12.47 -0.99 -4.55
N TYR B 55 -12.37 -2.00 -5.41
CA TYR B 55 -11.99 -1.81 -6.81
C TYR B 55 -12.59 -2.92 -7.66
N HIS B 56 -12.87 -2.61 -8.91
CA HIS B 56 -13.15 -3.64 -9.89
C HIS B 56 -11.82 -4.31 -10.09
N PRO B 57 -11.82 -5.64 -10.25
CA PRO B 57 -10.52 -6.30 -10.47
C PRO B 57 -9.69 -5.60 -11.55
N GLY B 58 -10.28 -5.36 -12.72
CA GLY B 58 -9.58 -4.62 -13.76
C GLY B 58 -8.99 -3.31 -13.28
N CYS B 59 -9.83 -2.46 -12.69
CA CYS B 59 -9.38 -1.18 -12.11
C CYS B 59 -8.26 -1.36 -11.11
N PHE B 60 -8.41 -2.38 -10.27
CA PHE B 60 -7.39 -2.69 -9.27
C PHE B 60 -6.04 -2.92 -9.96
N VAL B 61 -6.04 -3.78 -10.97
CA VAL B 61 -4.83 -4.11 -11.72
C VAL B 61 -4.19 -2.91 -12.41
N LYS B 62 -5.01 -2.03 -12.96
CA LYS B 62 -4.50 -0.80 -13.53
C LYS B 62 -3.59 -0.15 -12.50
N ASN B 63 -4.04 -0.12 -11.26
CA ASN B 63 -3.35 0.64 -10.23
C ASN B 63 -2.50 -0.21 -9.31
N ARG B 64 -2.21 -1.43 -9.75
CA ARG B 64 -1.26 -2.32 -9.08
C ARG B 64 -0.26 -1.53 -8.26
N GLU B 65 0.54 -0.72 -8.95
CA GLU B 65 1.77 -0.17 -8.40
C GLU B 65 1.54 0.78 -7.24
N GLU B 66 0.58 1.67 -7.42
CA GLU B 66 0.32 2.71 -6.46
C GLU B 66 -0.40 2.12 -5.25
N LEU B 67 -1.09 1.00 -5.50
CA LEU B 67 -1.83 0.26 -4.47
C LEU B 67 -0.90 -0.62 -3.66
N GLY B 68 0.38 -0.60 -4.00
CA GLY B 68 1.35 -1.42 -3.29
C GLY B 68 1.21 -2.92 -3.51
N PHE B 69 0.63 -3.32 -4.65
CA PHE B 69 0.52 -4.75 -4.96
C PHE B 69 1.71 -5.18 -5.80
N ARG B 70 2.82 -5.43 -5.13
CA ARG B 70 4.08 -5.80 -5.79
C ARG B 70 3.88 -6.93 -6.80
N PRO B 71 4.80 -7.05 -7.77
CA PRO B 71 4.69 -8.02 -8.87
C PRO B 71 5.02 -9.45 -8.45
N GLU B 72 5.53 -9.65 -7.24
CA GLU B 72 5.77 -10.98 -6.71
C GLU B 72 4.46 -11.60 -6.21
N TYR B 73 3.49 -10.73 -5.94
CA TYR B 73 2.23 -11.18 -5.36
C TYR B 73 1.36 -11.81 -6.43
N SER B 74 0.63 -12.85 -6.06
CA SER B 74 -0.29 -13.51 -6.99
C SER B 74 -1.70 -13.47 -6.46
N ALA B 75 -2.66 -13.72 -7.34
CA ALA B 75 -4.05 -13.70 -6.93
C ALA B 75 -4.30 -14.56 -5.70
N SER B 76 -3.61 -15.69 -5.59
CA SER B 76 -3.92 -16.64 -4.51
C SER B 76 -3.57 -16.10 -3.12
N GLN B 77 -2.88 -14.97 -3.06
CA GLN B 77 -2.53 -14.38 -1.77
C GLN B 77 -3.58 -13.42 -1.22
N LEU B 78 -4.59 -13.10 -2.00
CA LEU B 78 -5.67 -12.22 -1.55
C LEU B 78 -6.49 -12.79 -0.40
N LYS B 79 -6.70 -11.99 0.64
CA LYS B 79 -7.53 -12.44 1.74
C LYS B 79 -8.92 -12.70 1.18
N GLY B 80 -9.37 -13.95 1.31
CA GLY B 80 -10.69 -14.31 0.82
C GLY B 80 -10.67 -15.13 -0.47
N PHE B 81 -9.51 -15.20 -1.11
CA PHE B 81 -9.37 -15.87 -2.40
C PHE B 81 -10.12 -17.18 -2.42
N SER B 82 -9.79 -18.02 -1.44
CA SER B 82 -10.20 -19.41 -1.43
C SER B 82 -11.72 -19.62 -1.35
N LEU B 83 -12.46 -18.56 -1.05
CA LEU B 83 -13.91 -18.68 -1.01
C LEU B 83 -14.55 -18.44 -2.38
N LEU B 84 -13.72 -18.22 -3.39
CA LEU B 84 -14.25 -17.87 -4.70
C LEU B 84 -14.47 -19.13 -5.55
N ALA B 85 -15.52 -19.10 -6.37
CA ALA B 85 -15.73 -20.15 -7.36
C ALA B 85 -14.46 -20.34 -8.21
N THR B 86 -14.21 -21.57 -8.62
CA THR B 86 -13.03 -21.89 -9.42
C THR B 86 -12.89 -20.96 -10.63
N GLU B 87 -14.00 -20.80 -11.34
CA GLU B 87 -14.08 -19.86 -12.43
C GLU B 87 -13.44 -18.53 -12.02
N ASP B 88 -13.99 -17.94 -10.96
CA ASP B 88 -13.55 -16.63 -10.51
C ASP B 88 -12.08 -16.60 -10.05
N LYS B 89 -11.62 -17.69 -9.45
CA LYS B 89 -10.23 -17.77 -9.03
C LYS B 89 -9.29 -17.73 -10.24
N GLU B 90 -9.68 -18.42 -11.31
CA GLU B 90 -8.82 -18.52 -12.49
C GLU B 90 -8.67 -17.15 -13.16
N ALA B 91 -9.78 -16.44 -13.28
CA ALA B 91 -9.77 -15.13 -13.89
C ALA B 91 -8.74 -14.23 -13.19
N LEU B 92 -8.71 -14.28 -11.86
CA LEU B 92 -7.79 -13.46 -11.09
C LEU B 92 -6.34 -13.90 -11.27
N LYS B 93 -6.07 -15.19 -11.07
CA LYS B 93 -4.72 -15.74 -11.30
C LYS B 93 -4.25 -15.25 -12.65
N LYS B 94 -5.17 -15.19 -13.60
CA LYS B 94 -4.85 -14.74 -14.95
C LYS B 94 -4.22 -13.35 -14.95
N GLN B 95 -4.85 -12.40 -14.26
CA GLN B 95 -4.41 -10.99 -14.28
C GLN B 95 -3.31 -10.65 -13.25
N LEU B 96 -3.24 -11.44 -12.19
CA LEU B 96 -2.23 -11.26 -11.15
C LEU B 96 -1.46 -12.54 -10.98
N PRO B 97 -0.57 -12.83 -11.95
CA PRO B 97 0.14 -14.12 -12.03
C PRO B 97 1.17 -14.23 -10.94
N GLY B 98 1.75 -13.11 -10.53
CA GLY B 98 2.88 -13.13 -9.63
C GLY B 98 3.99 -13.91 -10.31
N VAL B 99 4.67 -14.78 -9.56
CA VAL B 99 5.70 -15.63 -10.16
C VAL B 99 5.14 -16.99 -10.54
N LYS B 100 4.21 -17.03 -11.50
CA LYS B 100 3.58 -18.30 -11.88
C LYS B 100 2.81 -18.18 -13.20
ZN ZN G . 11.46 10.46 12.93
ZN ZN H . -13.61 0.58 -11.43
#